data_3SZZ
#
_entry.id   3SZZ
#
_cell.length_a   111.417
_cell.length_b   111.417
_cell.length_c   72.866
_cell.angle_alpha   90.000
_cell.angle_beta   90.000
_cell.angle_gamma   90.000
#
_symmetry.space_group_name_H-M   'P 43 21 2'
#
loop_
_entity.id
_entity.type
_entity.pdbx_description
1 polymer 'phosphonoacetate hydrolase'
2 non-polymer 'ZINC ION'
3 non-polymer 'ACETATE ION'
4 water water
#
_entity_poly.entity_id   1
_entity_poly.type   'polypeptide(L)'
_entity_poly.pdbx_seq_one_letter_code
;GSHMNQMSKISVTVNGRRYPWPRVPAIAVCLDGCEPAYLDAAIDAGLMPALKRIKERGAVRLAHSVIPSFTNPNNLSIAT
GSPPAVHGICGNYLYEPSTGEEVMMNDPKFLRAPTIFQAFYDAGARVAVVTAKDKLRALLGKGLRFDEGRAVCFSSEKSD
KATRAEHGIDNASAWLGRPVPEVYSAALSEFVFAAGVKLLREFRPDIMYLTTTDYVQHKYAPGVPEANSFYEMFDRYLAE
LDGLGAAIVVTADHGMKPKHKADGSPDVIYVQDLLDEWLGKDAARVILPITDPYVVHHGALGSFATAYLPDGCDRSEIMA
RLKAIQGVDVVLGREEACRRFELPEDRIGDIVLVSSENKTLGTSEHRHDLAALDEPLRSHGGLTEQEVPFIVNRVLPELP
NAPRLRNFDAFFYAVTAAAEAGAEGGL
;
_entity_poly.pdbx_strand_id   A
#
loop_
_chem_comp.id
_chem_comp.type
_chem_comp.name
_chem_comp.formula
ACT non-polymer 'ACETATE ION' 'C2 H3 O2 -1'
ZN non-polymer 'ZINC ION' 'Zn 2'
#
# COMPACT_ATOMS: atom_id res chain seq x y z
N MET A 7 -16.59 7.42 34.70
CA MET A 7 -17.01 7.71 33.30
C MET A 7 -16.43 6.66 32.35
N SER A 8 -17.26 6.19 31.42
CA SER A 8 -16.78 5.27 30.40
C SER A 8 -16.01 6.04 29.32
N LYS A 9 -15.00 5.37 28.75
CA LYS A 9 -14.20 5.96 27.69
C LYS A 9 -14.97 5.87 26.38
N ILE A 10 -14.68 6.79 25.47
CA ILE A 10 -15.37 6.83 24.19
C ILE A 10 -14.57 6.05 23.16
N SER A 11 -15.26 5.23 22.36
CA SER A 11 -14.59 4.48 21.30
C SER A 11 -15.48 4.26 20.08
N VAL A 12 -14.84 3.81 19.00
CA VAL A 12 -15.52 3.43 17.77
C VAL A 12 -15.03 2.03 17.45
N THR A 13 -15.96 1.11 17.21
CA THR A 13 -15.61 -0.28 16.92
C THR A 13 -15.78 -0.49 15.42
N VAL A 14 -14.73 -0.99 14.78
N VAL A 14 -14.75 -0.97 14.75
CA VAL A 14 -14.67 -1.19 13.32
CA VAL A 14 -14.87 -1.25 13.33
C VAL A 14 -14.03 -2.53 13.05
C VAL A 14 -14.03 -2.46 12.94
N ASN A 15 -14.68 -3.38 12.25
CA ASN A 15 -14.11 -4.70 11.89
C ASN A 15 -13.53 -5.44 13.10
N GLY A 16 -14.29 -5.44 14.18
CA GLY A 16 -13.92 -6.20 15.39
C GLY A 16 -12.85 -5.59 16.26
N ARG A 17 -12.43 -4.37 15.97
CA ARG A 17 -11.41 -3.72 16.78
C ARG A 17 -11.94 -2.42 17.36
N ARG A 18 -11.60 -2.16 18.62
CA ARG A 18 -12.09 -0.98 19.32
C ARG A 18 -11.07 0.16 19.31
N TYR A 19 -11.44 1.25 18.64
CA TYR A 19 -10.58 2.43 18.53
C TYR A 19 -10.98 3.50 19.54
N PRO A 20 -10.10 3.81 20.50
CA PRO A 20 -10.43 4.89 21.44
C PRO A 20 -10.55 6.22 20.69
N TRP A 21 -11.41 7.11 21.18
CA TRP A 21 -11.58 8.40 20.56
C TRP A 21 -10.34 9.27 20.76
N PRO A 22 -9.79 9.84 19.68
CA PRO A 22 -8.55 10.61 19.81
C PRO A 22 -8.79 12.00 20.40
N ARG A 23 -8.06 12.34 21.46
CA ARG A 23 -8.17 13.67 22.09
C ARG A 23 -7.51 14.74 21.24
N VAL A 24 -6.42 14.36 20.57
CA VAL A 24 -5.77 15.22 19.58
C VAL A 24 -5.85 14.53 18.21
N PRO A 25 -5.62 15.26 17.10
CA PRO A 25 -5.69 14.61 15.78
C PRO A 25 -4.78 13.40 15.66
N ALA A 26 -5.30 12.34 15.07
CA ALA A 26 -4.56 11.09 14.87
C ALA A 26 -4.29 10.91 13.38
N ILE A 27 -3.01 10.81 13.03
CA ILE A 27 -2.58 10.76 11.63
C ILE A 27 -1.79 9.48 11.37
N ALA A 28 -2.09 8.81 10.26
CA ALA A 28 -1.20 7.80 9.73
C ALA A 28 -0.68 8.26 8.38
N VAL A 29 0.63 8.15 8.18
CA VAL A 29 1.27 8.49 6.91
C VAL A 29 1.77 7.19 6.32
N CYS A 30 1.33 6.91 5.10
CA CYS A 30 1.82 5.74 4.39
C CYS A 30 2.87 6.22 3.42
N LEU A 31 4.13 5.89 3.70
CA LEU A 31 5.24 6.17 2.80
C LEU A 31 5.39 5.00 1.82
N ASP A 32 4.79 5.14 0.64
CA ASP A 32 4.74 4.03 -0.31
C ASP A 32 6.13 3.51 -0.68
N GLY A 33 6.29 2.19 -0.60
CA GLY A 33 7.54 1.54 -0.99
C GLY A 33 8.73 1.87 -0.10
N CYS A 34 8.47 2.42 1.09
CA CYS A 34 9.54 2.87 1.97
C CYS A 34 10.21 1.72 2.72
N GLU A 35 11.07 1.01 1.99
CA GLU A 35 12.03 0.10 2.59
C GLU A 35 12.71 0.83 3.77
N PRO A 36 12.80 0.17 4.96
CA PRO A 36 13.37 0.87 6.13
C PRO A 36 14.73 1.51 5.85
N ALA A 37 15.51 0.90 4.96
CA ALA A 37 16.83 1.43 4.59
C ALA A 37 16.80 2.87 4.05
N TYR A 38 15.71 3.27 3.38
CA TYR A 38 15.58 4.66 2.89
C TYR A 38 15.70 5.70 4.02
N LEU A 39 14.98 5.45 5.12
CA LEU A 39 14.97 6.34 6.27
C LEU A 39 16.31 6.33 7.01
N ASP A 40 16.87 5.15 7.23
CA ASP A 40 18.20 5.04 7.83
C ASP A 40 19.22 5.86 7.07
N ALA A 41 19.25 5.72 5.75
CA ALA A 41 20.21 6.46 4.91
C ALA A 41 20.03 7.98 4.97
N ALA A 42 18.79 8.44 4.88
CA ALA A 42 18.50 9.87 4.94
C ALA A 42 18.77 10.47 6.32
N ILE A 43 18.44 9.72 7.37
CA ILE A 43 18.74 10.16 8.74
C ILE A 43 20.27 10.28 8.92
N ASP A 44 20.99 9.24 8.49
CA ASP A 44 22.45 9.20 8.62
C ASP A 44 23.14 10.33 7.86
N ALA A 45 22.52 10.78 6.77
CA ALA A 45 23.07 11.87 5.98
C ALA A 45 22.71 13.26 6.55
N GLY A 46 22.04 13.28 7.70
CA GLY A 46 21.69 14.51 8.40
C GLY A 46 20.47 15.23 7.84
N LEU A 47 19.69 14.53 7.02
CA LEU A 47 18.61 15.15 6.24
C LEU A 47 17.23 15.07 6.87
N MET A 48 17.10 14.31 7.96
CA MET A 48 15.80 14.16 8.61
C MET A 48 15.88 14.48 10.10
N PRO A 49 16.24 15.74 10.46
CA PRO A 49 16.39 16.07 11.88
C PRO A 49 15.11 15.87 12.70
N ALA A 50 13.95 16.03 12.07
CA ALA A 50 12.68 15.85 12.79
C ALA A 50 12.40 14.37 13.08
N LEU A 51 12.43 13.53 12.05
CA LEU A 51 12.28 12.08 12.25
C LEU A 51 13.34 11.53 13.22
N LYS A 52 14.57 12.02 13.10
CA LYS A 52 15.64 11.55 14.01
C LYS A 52 15.24 11.79 15.47
N ARG A 53 14.81 13.02 15.78
CA ARG A 53 14.35 13.36 17.13
C ARG A 53 13.07 12.60 17.52
N ILE A 54 12.12 12.53 16.60
CA ILE A 54 10.85 11.82 16.83
C ILE A 54 11.13 10.36 17.23
N LYS A 55 12.06 9.72 16.52
CA LYS A 55 12.47 8.35 16.84
C LYS A 55 13.06 8.24 18.25
N GLU A 56 13.97 9.16 18.59
CA GLU A 56 14.66 9.14 19.88
C GLU A 56 13.67 9.23 21.02
N ARG A 57 12.64 10.05 20.84
CA ARG A 57 11.72 10.40 21.91
C ARG A 57 10.38 9.64 21.85
N GLY A 58 10.15 8.89 20.79
CA GLY A 58 8.86 8.21 20.62
C GLY A 58 8.96 6.70 20.69
N ALA A 59 8.34 6.02 19.74
CA ALA A 59 8.38 4.56 19.67
C ALA A 59 8.77 4.12 18.27
N VAL A 60 9.82 3.30 18.20
CA VAL A 60 10.41 2.88 16.92
C VAL A 60 10.25 1.37 16.80
N ARG A 61 9.61 0.94 15.72
CA ARG A 61 9.39 -0.49 15.45
C ARG A 61 9.54 -0.81 13.97
N LEU A 62 9.57 -2.10 13.66
CA LEU A 62 9.31 -2.60 12.33
C LEU A 62 7.95 -3.30 12.39
N ALA A 63 7.20 -3.20 11.29
CA ALA A 63 5.92 -3.87 11.19
C ALA A 63 5.91 -4.77 9.96
N HIS A 64 4.96 -5.69 9.90
CA HIS A 64 4.79 -6.51 8.69
C HIS A 64 3.56 -6.13 7.90
N SER A 65 3.78 -5.93 6.60
CA SER A 65 2.72 -5.65 5.66
C SER A 65 1.87 -6.91 5.43
N VAL A 66 0.83 -6.74 4.63
CA VAL A 66 0.11 -7.88 4.09
C VAL A 66 0.91 -8.49 2.93
N ILE A 67 0.80 -9.80 2.76
CA ILE A 67 1.24 -10.48 1.53
C ILE A 67 -0.02 -10.76 0.70
N PRO A 68 -0.05 -10.33 -0.58
CA PRO A 68 1.02 -9.71 -1.36
C PRO A 68 1.37 -8.30 -0.89
N SER A 69 2.67 -7.98 -0.91
CA SER A 69 3.13 -6.65 -0.53
C SER A 69 2.95 -5.67 -1.70
N PHE A 70 1.68 -5.48 -2.05
CA PHE A 70 1.23 -4.58 -3.10
C PHE A 70 0.58 -3.34 -2.49
N THR A 71 0.46 -2.29 -3.30
CA THR A 71 -0.07 -1.00 -2.87
C THR A 71 -1.51 -1.03 -2.39
N ASN A 72 -2.44 -1.44 -3.27
CA ASN A 72 -3.85 -1.42 -2.92
C ASN A 72 -4.27 -2.30 -1.74
N PRO A 73 -3.88 -3.60 -1.74
CA PRO A 73 -4.25 -4.46 -0.60
C PRO A 73 -3.75 -3.90 0.73
N ASN A 74 -2.54 -3.38 0.73
CA ASN A 74 -1.96 -2.81 1.94
C ASN A 74 -2.57 -1.46 2.36
N ASN A 75 -2.83 -0.58 1.40
CA ASN A 75 -3.54 0.66 1.74
C ASN A 75 -4.94 0.39 2.27
N LEU A 76 -5.66 -0.57 1.67
CA LEU A 76 -7.00 -0.88 2.15
C LEU A 76 -7.00 -1.57 3.51
N SER A 77 -5.93 -2.32 3.78
CA SER A 77 -5.75 -2.94 5.09
C SER A 77 -5.52 -1.89 6.16
N ILE A 78 -4.66 -0.92 5.86
CA ILE A 78 -4.44 0.21 6.76
C ILE A 78 -5.74 1.00 6.99
N ALA A 79 -6.52 1.19 5.92
CA ALA A 79 -7.77 1.97 6.01
C ALA A 79 -8.90 1.28 6.81
N THR A 80 -8.89 -0.04 6.83
CA THR A 80 -9.92 -0.82 7.51
C THR A 80 -9.42 -1.44 8.81
N GLY A 81 -8.11 -1.38 9.03
CA GLY A 81 -7.47 -2.04 10.16
C GLY A 81 -7.58 -3.57 10.09
N SER A 82 -7.70 -4.12 8.89
CA SER A 82 -7.94 -5.56 8.71
C SER A 82 -7.24 -6.12 7.47
N PRO A 83 -6.98 -7.45 7.44
CA PRO A 83 -6.36 -8.03 6.24
C PRO A 83 -7.37 -8.19 5.09
N PRO A 84 -6.89 -8.54 3.88
CA PRO A 84 -7.77 -8.67 2.72
C PRO A 84 -8.86 -9.74 2.83
N ALA A 85 -8.64 -10.77 3.67
CA ALA A 85 -9.71 -11.74 3.99
C ALA A 85 -10.98 -11.02 4.45
N VAL A 86 -10.80 -9.89 5.14
CA VAL A 86 -11.92 -9.09 5.61
C VAL A 86 -12.41 -8.11 4.54
N HIS A 87 -11.52 -7.27 4.00
CA HIS A 87 -11.96 -6.17 3.15
C HIS A 87 -12.12 -6.50 1.65
N GLY A 88 -11.48 -7.59 1.22
CA GLY A 88 -11.69 -8.10 -0.14
C GLY A 88 -10.72 -7.64 -1.22
N ILE A 89 -9.90 -6.63 -0.91
CA ILE A 89 -8.99 -6.08 -1.90
C ILE A 89 -7.62 -6.74 -1.77
N CYS A 90 -7.32 -7.71 -2.65
CA CYS A 90 -6.09 -8.47 -2.53
C CYS A 90 -5.18 -8.36 -3.75
N GLY A 91 -5.53 -7.48 -4.67
CA GLY A 91 -4.74 -7.20 -5.88
C GLY A 91 -5.44 -6.15 -6.70
N ASN A 92 -4.88 -5.83 -7.87
CA ASN A 92 -5.50 -4.86 -8.78
C ASN A 92 -6.63 -5.47 -9.62
N TYR A 93 -6.56 -6.78 -9.82
CA TYR A 93 -7.56 -7.51 -10.59
C TYR A 93 -7.56 -9.00 -10.28
N LEU A 94 -8.66 -9.66 -10.64
CA LEU A 94 -8.75 -11.12 -10.59
C LEU A 94 -9.20 -11.66 -11.93
N TYR A 95 -9.21 -12.98 -12.05
CA TYR A 95 -9.67 -13.68 -13.23
C TYR A 95 -10.88 -14.57 -12.86
N GLU A 96 -11.91 -14.52 -13.70
CA GLU A 96 -13.09 -15.37 -13.52
C GLU A 96 -13.06 -16.50 -14.55
N PRO A 97 -12.78 -17.75 -14.09
CA PRO A 97 -12.73 -18.93 -14.98
C PRO A 97 -14.00 -19.08 -15.84
N SER A 98 -15.17 -18.93 -15.23
CA SER A 98 -16.41 -18.76 -15.98
C SER A 98 -16.45 -17.30 -16.44
N THR A 99 -16.87 -17.08 -17.68
CA THR A 99 -16.75 -15.76 -18.35
C THR A 99 -15.40 -15.60 -19.05
N GLY A 100 -14.35 -16.17 -18.46
CA GLY A 100 -12.98 -15.99 -18.95
C GLY A 100 -12.52 -14.54 -18.82
N GLU A 101 -13.13 -13.82 -17.89
CA GLU A 101 -12.92 -12.37 -17.78
C GLU A 101 -11.93 -11.98 -16.69
N GLU A 102 -11.08 -11.00 -17.00
CA GLU A 102 -10.29 -10.34 -15.98
C GLU A 102 -11.02 -9.08 -15.53
N VAL A 103 -11.27 -8.98 -14.22
CA VAL A 103 -12.09 -7.92 -13.67
C VAL A 103 -11.32 -7.08 -12.65
N MET A 104 -11.34 -5.76 -12.86
CA MET A 104 -10.68 -4.80 -11.97
C MET A 104 -11.26 -4.87 -10.58
N MET A 105 -10.38 -4.85 -9.58
CA MET A 105 -10.74 -4.91 -8.17
CA MET A 105 -10.87 -4.83 -8.21
C MET A 105 -10.43 -3.57 -7.48
N ASN A 106 -10.22 -2.52 -8.26
CA ASN A 106 -9.93 -1.18 -7.73
C ASN A 106 -11.10 -0.20 -7.78
N ASP A 107 -12.31 -0.75 -7.80
CA ASP A 107 -13.55 0.03 -7.71
C ASP A 107 -14.13 -0.18 -6.30
N PRO A 108 -14.66 0.90 -5.68
CA PRO A 108 -15.22 0.79 -4.31
C PRO A 108 -16.34 -0.25 -4.13
N LYS A 109 -17.02 -0.62 -5.21
CA LYS A 109 -18.04 -1.67 -5.09
C LYS A 109 -17.46 -3.01 -4.62
N PHE A 110 -16.16 -3.22 -4.82
CA PHE A 110 -15.49 -4.47 -4.42
C PHE A 110 -14.98 -4.50 -2.97
N LEU A 111 -15.01 -3.34 -2.33
CA LEU A 111 -14.65 -3.23 -0.93
C LEU A 111 -15.78 -3.84 -0.09
N ARG A 112 -15.42 -4.80 0.76
CA ARG A 112 -16.40 -5.60 1.52
C ARG A 112 -16.49 -5.27 3.00
N ALA A 113 -15.72 -4.29 3.46
CA ALA A 113 -15.72 -3.93 4.88
C ALA A 113 -15.62 -2.42 5.03
N PRO A 114 -16.26 -1.86 6.07
CA PRO A 114 -16.19 -0.42 6.26
C PRO A 114 -14.77 0.04 6.59
N THR A 115 -14.43 1.26 6.21
CA THR A 115 -13.15 1.84 6.58
C THR A 115 -13.25 2.43 7.99
N ILE A 116 -12.10 2.57 8.64
CA ILE A 116 -12.01 3.31 9.90
C ILE A 116 -12.54 4.73 9.67
N PHE A 117 -12.33 5.24 8.45
CA PHE A 117 -12.70 6.62 8.13
C PHE A 117 -14.21 6.79 8.20
N GLN A 118 -14.93 5.87 7.56
CA GLN A 118 -16.40 5.90 7.61
C GLN A 118 -16.94 5.67 9.03
N ALA A 119 -16.32 4.75 9.76
CA ALA A 119 -16.80 4.45 11.12
C ALA A 119 -16.69 5.68 12.04
N PHE A 120 -15.53 6.35 12.01
CA PHE A 120 -15.37 7.59 12.76
C PHE A 120 -16.29 8.71 12.24
N TYR A 121 -16.39 8.85 10.92
CA TYR A 121 -17.30 9.82 10.33
C TYR A 121 -18.74 9.61 10.81
N ASP A 122 -19.21 8.36 10.75
CA ASP A 122 -20.56 8.03 11.21
C ASP A 122 -20.75 8.27 12.71
N ALA A 123 -19.66 8.25 13.48
CA ALA A 123 -19.72 8.53 14.91
C ALA A 123 -19.61 10.03 15.23
N GLY A 124 -19.51 10.86 14.18
CA GLY A 124 -19.52 12.31 14.34
C GLY A 124 -18.17 12.98 14.21
N ALA A 125 -17.15 12.22 13.81
CA ALA A 125 -15.80 12.76 13.74
C ALA A 125 -15.54 13.59 12.49
N ARG A 126 -14.47 14.37 12.52
CA ARG A 126 -13.96 15.05 11.35
C ARG A 126 -12.86 14.16 10.76
N VAL A 127 -12.98 13.87 9.47
CA VAL A 127 -12.10 12.88 8.83
C VAL A 127 -11.51 13.45 7.54
N ALA A 128 -10.22 13.21 7.32
CA ALA A 128 -9.54 13.67 6.10
C ALA A 128 -8.69 12.56 5.48
N VAL A 129 -8.83 12.37 4.17
CA VAL A 129 -8.07 11.38 3.43
C VAL A 129 -7.46 12.07 2.22
N VAL A 130 -6.14 12.01 2.11
CA VAL A 130 -5.45 12.53 0.92
C VAL A 130 -4.54 11.45 0.34
N THR A 131 -4.74 11.17 -0.94
CA THR A 131 -3.93 10.19 -1.68
C THR A 131 -3.20 10.92 -2.79
N ALA A 132 -2.22 10.25 -3.39
CA ALA A 132 -1.57 10.79 -4.58
C ALA A 132 -2.39 10.44 -5.82
N LYS A 133 -2.86 9.20 -5.90
CA LYS A 133 -3.59 8.70 -7.08
C LYS A 133 -5.08 8.66 -6.83
N ASP A 134 -5.87 9.04 -7.84
CA ASP A 134 -7.31 9.18 -7.65
C ASP A 134 -8.11 7.87 -7.56
N LYS A 135 -7.66 6.80 -8.22
CA LYS A 135 -8.36 5.51 -8.12
C LYS A 135 -8.37 4.99 -6.68
N LEU A 136 -7.22 5.08 -6.00
CA LEU A 136 -7.16 4.74 -4.57
C LEU A 136 -8.06 5.66 -3.74
N ARG A 137 -8.11 6.95 -4.09
CA ARG A 137 -8.99 7.91 -3.44
C ARG A 137 -10.44 7.41 -3.39
N ALA A 138 -10.98 7.00 -4.53
CA ALA A 138 -12.35 6.51 -4.62
C ALA A 138 -12.56 5.26 -3.74
N LEU A 139 -11.58 4.35 -3.73
CA LEU A 139 -11.62 3.18 -2.86
C LEU A 139 -11.61 3.53 -1.37
N LEU A 140 -10.64 4.35 -0.98
CA LEU A 140 -10.42 4.75 0.41
C LEU A 140 -11.55 5.58 0.98
N GLY A 141 -12.23 6.29 0.08
CA GLY A 141 -13.23 7.27 0.48
C GLY A 141 -14.64 6.71 0.58
N LYS A 142 -14.80 5.41 0.29
CA LYS A 142 -16.11 4.77 0.34
C LYS A 142 -16.86 5.04 1.65
N GLY A 143 -18.09 5.52 1.54
CA GLY A 143 -18.94 5.77 2.71
C GLY A 143 -18.79 7.13 3.37
N LEU A 144 -17.81 7.92 2.91
CA LEU A 144 -17.69 9.28 3.43
C LEU A 144 -18.77 10.18 2.83
N ARG A 145 -19.19 11.17 3.62
CA ARG A 145 -20.23 12.10 3.19
C ARG A 145 -19.74 13.53 3.33
N PHE A 146 -20.28 14.41 2.48
CA PHE A 146 -19.69 15.73 2.30
C PHE A 146 -20.72 16.86 2.47
N ASP A 147 -21.77 16.59 3.22
CA ASP A 147 -22.86 17.55 3.42
C ASP A 147 -22.87 18.21 4.80
N GLU A 148 -21.86 17.96 5.62
CA GLU A 148 -21.81 18.53 6.97
C GLU A 148 -20.48 19.20 7.30
N GLY A 149 -19.61 19.31 6.30
CA GLY A 149 -18.28 19.88 6.49
C GLY A 149 -17.38 19.08 7.42
N ARG A 150 -17.64 17.77 7.55
CA ARG A 150 -16.85 16.92 8.45
C ARG A 150 -15.95 15.90 7.74
N ALA A 151 -15.89 15.97 6.41
CA ALA A 151 -15.02 15.07 5.63
C ALA A 151 -14.34 15.76 4.46
N VAL A 152 -13.08 15.43 4.25
CA VAL A 152 -12.36 15.84 3.04
C VAL A 152 -11.65 14.60 2.47
N CYS A 153 -11.76 14.40 1.17
CA CYS A 153 -11.14 13.25 0.50
C CYS A 153 -10.87 13.56 -0.96
N PHE A 154 -9.58 13.69 -1.29
CA PHE A 154 -9.17 13.99 -2.66
C PHE A 154 -7.75 13.44 -2.93
N SER A 155 -7.34 13.46 -4.19
CA SER A 155 -5.99 13.06 -4.60
C SER A 155 -5.25 14.28 -5.14
N SER A 156 -3.92 14.22 -5.09
CA SER A 156 -3.07 15.21 -5.75
CA SER A 156 -3.12 15.24 -5.75
C SER A 156 -3.32 15.16 -7.26
N GLU A 157 -3.42 13.94 -7.78
CA GLU A 157 -3.62 13.71 -9.22
C GLU A 157 -4.80 14.47 -9.82
N LYS A 158 -5.93 14.45 -9.12
CA LYS A 158 -7.16 15.10 -9.58
C LYS A 158 -7.61 16.21 -8.64
N SER A 159 -6.63 16.86 -8.00
CA SER A 159 -6.90 17.88 -7.00
C SER A 159 -7.69 19.05 -7.54
N ASP A 160 -7.47 19.36 -8.82
CA ASP A 160 -8.15 20.47 -9.46
C ASP A 160 -9.61 20.17 -9.83
N LYS A 161 -9.99 18.90 -9.72
CA LYS A 161 -11.36 18.46 -10.01
C LYS A 161 -12.23 18.26 -8.76
N ALA A 162 -11.66 18.50 -7.57
CA ALA A 162 -12.42 18.31 -6.32
C ALA A 162 -13.59 19.28 -6.22
N THR A 163 -14.72 18.78 -5.74
CA THR A 163 -15.91 19.60 -5.51
C THR A 163 -16.40 19.40 -4.09
N ARG A 164 -17.11 20.39 -3.57
CA ARG A 164 -17.63 20.31 -2.20
C ARG A 164 -18.43 19.02 -2.03
N ALA A 165 -19.34 18.77 -2.98
CA ALA A 165 -20.32 17.70 -2.83
C ALA A 165 -19.71 16.29 -2.90
N GLU A 166 -18.57 16.15 -3.56
CA GLU A 166 -18.01 14.80 -3.77
C GLU A 166 -16.65 14.58 -3.12
N HIS A 167 -16.05 15.64 -2.61
CA HIS A 167 -14.70 15.61 -2.02
C HIS A 167 -14.60 16.42 -0.73
N GLY A 168 -15.59 17.27 -0.46
CA GLY A 168 -15.58 18.15 0.72
C GLY A 168 -14.74 19.42 0.56
N ILE A 169 -14.28 19.66 -0.67
CA ILE A 169 -13.44 20.83 -0.95
C ILE A 169 -13.58 21.20 -2.43
N ASP A 170 -13.58 22.49 -2.73
CA ASP A 170 -13.67 22.95 -4.12
C ASP A 170 -12.29 23.29 -4.64
N ASN A 171 -11.82 22.48 -5.59
CA ASN A 171 -10.50 22.63 -6.22
C ASN A 171 -9.37 22.71 -5.18
N ALA A 172 -8.89 21.54 -4.76
CA ALA A 172 -7.81 21.47 -3.77
C ALA A 172 -6.48 22.01 -4.29
N SER A 173 -6.31 22.04 -5.62
CA SER A 173 -5.12 22.67 -6.21
C SER A 173 -5.10 24.18 -5.98
N ALA A 174 -6.21 24.83 -6.28
CA ALA A 174 -6.36 26.29 -6.05
C ALA A 174 -6.27 26.60 -4.56
N TRP A 175 -6.89 25.74 -3.75
CA TRP A 175 -6.92 25.90 -2.30
C TRP A 175 -5.51 25.84 -1.70
N LEU A 176 -4.74 24.83 -2.09
CA LEU A 176 -3.38 24.66 -1.56
C LEU A 176 -2.43 25.68 -2.17
N GLY A 177 -2.72 26.12 -3.39
CA GLY A 177 -1.91 27.09 -4.11
C GLY A 177 -0.72 26.45 -4.80
N ARG A 178 -0.87 25.18 -5.19
CA ARG A 178 0.16 24.48 -5.93
C ARG A 178 -0.47 23.87 -7.15
N PRO A 179 0.26 23.85 -8.27
CA PRO A 179 -0.25 23.21 -9.48
C PRO A 179 -0.43 21.70 -9.31
N VAL A 180 -1.30 21.12 -10.13
CA VAL A 180 -1.47 19.65 -10.17
C VAL A 180 -0.14 19.03 -10.59
N PRO A 181 0.42 18.12 -9.77
CA PRO A 181 1.73 17.56 -10.13
C PRO A 181 1.65 16.52 -11.24
N GLU A 182 2.77 16.32 -11.93
CA GLU A 182 2.94 15.18 -12.84
C GLU A 182 2.74 13.89 -12.09
N VAL A 183 2.02 12.93 -12.67
CA VAL A 183 1.81 11.63 -12.03
C VAL A 183 3.14 10.90 -11.71
N TYR A 184 4.07 10.94 -12.64
CA TYR A 184 5.38 10.31 -12.43
C TYR A 184 6.39 11.31 -11.89
N SER A 185 6.25 11.63 -10.60
CA SER A 185 7.09 12.62 -9.96
C SER A 185 7.05 12.46 -8.45
N ALA A 186 8.09 12.94 -7.79
CA ALA A 186 8.09 13.11 -6.33
C ALA A 186 7.06 14.13 -5.90
N ALA A 187 6.84 15.14 -6.75
CA ALA A 187 5.90 16.22 -6.46
C ALA A 187 4.47 15.75 -6.22
N LEU A 188 4.06 14.67 -6.87
CA LEU A 188 2.74 14.07 -6.63
C LEU A 188 2.57 13.71 -5.15
N SER A 189 3.64 13.20 -4.54
CA SER A 189 3.65 12.87 -3.12
C SER A 189 3.85 14.10 -2.24
N GLU A 190 4.70 15.03 -2.67
CA GLU A 190 4.88 16.28 -1.89
C GLU A 190 3.55 17.00 -1.70
N PHE A 191 2.74 17.06 -2.76
CA PHE A 191 1.39 17.68 -2.70
C PHE A 191 0.56 17.08 -1.55
N VAL A 192 0.62 15.76 -1.39
CA VAL A 192 -0.10 15.07 -0.31
C VAL A 192 0.36 15.59 1.06
N PHE A 193 1.67 15.65 1.27
CA PHE A 193 2.21 16.10 2.56
C PHE A 193 1.77 17.54 2.82
N ALA A 194 1.89 18.39 1.80
CA ALA A 194 1.50 19.80 1.93
C ALA A 194 0.02 19.97 2.22
N ALA A 195 -0.83 19.24 1.49
CA ALA A 195 -2.28 19.23 1.76
C ALA A 195 -2.56 18.79 3.19
N GLY A 196 -1.84 17.76 3.65
CA GLY A 196 -1.96 17.25 5.01
C GLY A 196 -1.70 18.32 6.07
N VAL A 197 -0.61 19.06 5.92
CA VAL A 197 -0.30 20.15 6.86
C VAL A 197 -1.41 21.19 6.88
N LYS A 198 -1.85 21.63 5.70
CA LYS A 198 -2.87 22.67 5.61
C LYS A 198 -4.19 22.19 6.20
N LEU A 199 -4.54 20.94 5.93
CA LEU A 199 -5.75 20.35 6.54
C LEU A 199 -5.66 20.27 8.07
N LEU A 200 -4.50 19.86 8.58
CA LEU A 200 -4.30 19.82 10.02
C LEU A 200 -4.52 21.20 10.65
N ARG A 201 -3.94 22.23 10.07
CA ARG A 201 -4.12 23.61 10.59
C ARG A 201 -5.54 24.13 10.48
N GLU A 202 -6.12 23.99 9.29
CA GLU A 202 -7.36 24.69 8.93
C GLU A 202 -8.63 23.86 9.10
N PHE A 203 -8.52 22.55 8.91
CA PHE A 203 -9.68 21.64 9.00
C PHE A 203 -9.75 20.92 10.36
N ARG A 204 -8.59 20.69 10.97
CA ARG A 204 -8.49 20.04 12.28
C ARG A 204 -9.19 18.66 12.34
N PRO A 205 -8.77 17.71 11.47
CA PRO A 205 -9.42 16.40 11.48
C PRO A 205 -9.12 15.63 12.78
N ASP A 206 -10.06 14.78 13.19
CA ASP A 206 -9.81 13.84 14.29
C ASP A 206 -8.98 12.68 13.78
N ILE A 207 -9.25 12.29 12.54
CA ILE A 207 -8.57 11.19 11.85
C ILE A 207 -8.12 11.67 10.48
N MET A 208 -6.85 11.41 10.14
CA MET A 208 -6.34 11.77 8.82
C MET A 208 -5.37 10.70 8.29
N TYR A 209 -5.58 10.31 7.04
CA TYR A 209 -4.69 9.39 6.33
C TYR A 209 -4.05 10.13 5.18
N LEU A 210 -2.72 10.04 5.10
CA LEU A 210 -1.96 10.57 3.97
C LEU A 210 -1.20 9.42 3.31
N THR A 211 -1.41 9.23 2.01
CA THR A 211 -0.74 8.15 1.30
C THR A 211 -0.20 8.64 -0.05
N THR A 212 0.90 8.05 -0.48
CA THR A 212 1.72 8.63 -1.54
C THR A 212 1.84 7.66 -2.72
N THR A 213 2.90 7.74 -3.51
CA THR A 213 3.18 6.69 -4.52
C THR A 213 4.63 6.26 -4.38
N ASP A 214 4.96 5.10 -4.93
CA ASP A 214 6.32 4.57 -4.85
C ASP A 214 7.17 4.84 -6.11
N TYR A 215 6.82 5.92 -6.82
CA TYR A 215 7.56 6.33 -8.03
C TYR A 215 9.06 6.43 -7.82
N VAL A 216 9.46 7.20 -6.80
CA VAL A 216 10.87 7.45 -6.52
C VAL A 216 11.57 6.15 -6.12
N GLN A 217 10.87 5.33 -5.36
CA GLN A 217 11.43 4.11 -4.78
C GLN A 217 11.64 2.98 -5.82
N HIS A 218 10.75 2.89 -6.82
CA HIS A 218 10.97 2.01 -7.98
C HIS A 218 12.20 2.44 -8.80
N LYS A 219 12.46 3.74 -8.86
CA LYS A 219 13.58 4.28 -9.62
C LYS A 219 14.92 4.33 -8.89
N TYR A 220 14.90 4.62 -7.59
CA TYR A 220 16.13 4.93 -6.86
C TYR A 220 16.31 4.12 -5.58
N ALA A 221 17.51 3.57 -5.38
CA ALA A 221 17.84 2.75 -4.21
C ALA A 221 18.05 3.66 -2.99
N PRO A 222 17.97 3.09 -1.77
CA PRO A 222 18.24 3.86 -0.55
C PRO A 222 19.60 4.55 -0.57
N GLY A 223 19.64 5.79 -0.12
CA GLY A 223 20.90 6.53 0.03
C GLY A 223 21.43 7.28 -1.18
N VAL A 224 20.84 7.06 -2.35
CA VAL A 224 21.28 7.80 -3.55
C VAL A 224 20.65 9.21 -3.51
N PRO A 225 21.27 10.19 -4.20
CA PRO A 225 20.83 11.59 -4.05
C PRO A 225 19.32 11.83 -4.19
N GLU A 226 18.70 11.22 -5.20
CA GLU A 226 17.28 11.44 -5.48
C GLU A 226 16.37 10.83 -4.40
N ALA A 227 16.80 9.70 -3.83
CA ALA A 227 16.07 9.06 -2.74
C ALA A 227 16.18 9.88 -1.47
N ASN A 228 17.42 10.27 -1.12
CA ASN A 228 17.64 11.14 0.05
C ASN A 228 16.86 12.45 -0.02
N SER A 229 16.82 13.08 -1.20
CA SER A 229 16.10 14.34 -1.39
C SER A 229 14.61 14.19 -1.12
N PHE A 230 14.03 13.07 -1.52
CA PHE A 230 12.62 12.81 -1.29
C PHE A 230 12.30 12.78 0.22
N TYR A 231 13.12 12.06 0.98
CA TYR A 231 12.87 11.91 2.40
C TYR A 231 13.25 13.15 3.19
N GLU A 232 14.24 13.89 2.70
CA GLU A 232 14.57 15.20 3.24
C GLU A 232 13.32 16.09 3.15
N MET A 233 12.69 16.05 1.97
CA MET A 233 11.45 16.79 1.73
C MET A 233 10.34 16.34 2.69
N PHE A 234 10.11 15.04 2.79
CA PHE A 234 9.10 14.52 3.72
C PHE A 234 9.31 15.01 5.16
N ASP A 235 10.57 14.98 5.61
CA ASP A 235 10.89 15.37 6.97
C ASP A 235 10.40 16.77 7.35
N ARG A 236 10.46 17.70 6.39
CA ARG A 236 10.00 19.06 6.63
C ARG A 236 8.50 19.07 6.95
N TYR A 237 7.72 18.30 6.20
CA TYR A 237 6.29 18.22 6.45
C TYR A 237 5.99 17.48 7.76
N LEU A 238 6.74 16.40 8.01
CA LEU A 238 6.64 15.68 9.28
C LEU A 238 6.89 16.60 10.47
N ALA A 239 7.93 17.43 10.38
CA ALA A 239 8.26 18.40 11.44
C ALA A 239 7.07 19.29 11.73
N GLU A 240 6.35 19.66 10.66
CA GLU A 240 5.25 20.58 10.78
C GLU A 240 4.02 19.92 11.40
N LEU A 241 3.71 18.71 10.94
CA LEU A 241 2.60 17.94 11.51
C LEU A 241 2.82 17.67 13.00
N ASP A 242 4.04 17.29 13.35
CA ASP A 242 4.43 17.01 14.74
C ASP A 242 4.36 18.28 15.59
N GLY A 243 4.88 19.39 15.05
CA GLY A 243 4.85 20.68 15.72
C GLY A 243 3.43 21.18 16.00
N LEU A 244 2.49 20.77 15.16
CA LEU A 244 1.09 21.17 15.33
C LEU A 244 0.35 20.33 16.38
N GLY A 245 1.04 19.32 16.91
CA GLY A 245 0.52 18.58 18.07
C GLY A 245 -0.24 17.29 17.78
N ALA A 246 -0.23 16.85 16.53
CA ALA A 246 -0.92 15.61 16.18
C ALA A 246 -0.16 14.36 16.67
N ALA A 247 -0.89 13.29 16.97
CA ALA A 247 -0.28 11.98 17.19
C ALA A 247 -0.13 11.32 15.83
N ILE A 248 1.08 10.87 15.52
CA ILE A 248 1.42 10.44 14.16
C ILE A 248 2.07 9.06 14.14
N VAL A 249 1.55 8.18 13.28
CA VAL A 249 2.24 6.95 12.92
C VAL A 249 2.77 7.08 11.50
N VAL A 250 4.08 6.87 11.34
CA VAL A 250 4.67 6.77 10.01
C VAL A 250 4.93 5.30 9.72
N THR A 251 4.32 4.80 8.65
CA THR A 251 4.54 3.42 8.20
C THR A 251 4.59 3.35 6.67
N ALA A 252 4.51 2.14 6.12
CA ALA A 252 4.51 1.96 4.67
C ALA A 252 3.58 0.83 4.27
N ASP A 253 3.12 0.85 3.02
CA ASP A 253 2.33 -0.23 2.48
C ASP A 253 3.18 -1.49 2.21
N HIS A 254 4.45 -1.27 1.84
CA HIS A 254 5.36 -2.36 1.50
C HIS A 254 6.74 -1.76 1.32
N GLY A 255 7.77 -2.62 1.30
CA GLY A 255 9.13 -2.19 1.06
C GLY A 255 9.45 -2.22 -0.43
N MET A 256 10.74 -2.34 -0.74
CA MET A 256 11.23 -2.29 -2.12
C MET A 256 12.60 -2.94 -2.16
N LYS A 257 12.83 -3.78 -3.16
CA LYS A 257 14.12 -4.47 -3.35
C LYS A 257 14.51 -4.46 -4.84
N PRO A 258 15.83 -4.48 -5.13
CA PRO A 258 16.28 -4.62 -6.51
C PRO A 258 15.89 -5.99 -7.03
N LYS A 259 15.43 -6.05 -8.29
CA LYS A 259 15.01 -7.30 -8.91
C LYS A 259 15.68 -7.49 -10.26
N HIS A 260 16.99 -7.26 -10.31
CA HIS A 260 17.71 -7.31 -11.58
C HIS A 260 18.96 -8.17 -11.50
N LYS A 261 19.34 -8.75 -12.64
CA LYS A 261 20.60 -9.50 -12.75
C LYS A 261 21.77 -8.53 -12.61
N ALA A 262 22.98 -9.09 -12.51
CA ALA A 262 24.22 -8.31 -12.45
C ALA A 262 24.37 -7.33 -13.62
N ASP A 263 23.91 -7.72 -14.80
CA ASP A 263 24.01 -6.86 -15.99
C ASP A 263 22.96 -5.73 -15.98
N GLY A 264 22.08 -5.73 -14.97
CA GLY A 264 21.09 -4.69 -14.80
C GLY A 264 19.74 -4.99 -15.43
N SER A 265 19.63 -6.14 -16.09
CA SER A 265 18.37 -6.52 -16.75
C SER A 265 17.41 -7.21 -15.77
N PRO A 266 16.10 -7.16 -16.04
CA PRO A 266 15.15 -7.81 -15.14
C PRO A 266 15.42 -9.31 -14.99
N ASP A 267 15.30 -9.82 -13.77
CA ASP A 267 15.45 -11.25 -13.51
C ASP A 267 14.08 -11.86 -13.26
N VAL A 268 13.52 -12.48 -14.29
CA VAL A 268 12.10 -12.86 -14.30
C VAL A 268 11.90 -14.37 -14.50
N ILE A 269 10.95 -14.94 -13.76
CA ILE A 269 10.51 -16.31 -13.97
C ILE A 269 9.15 -16.25 -14.69
N TYR A 270 9.12 -16.77 -15.91
CA TYR A 270 7.92 -16.70 -16.75
C TYR A 270 6.99 -17.88 -16.49
N VAL A 271 6.06 -17.65 -15.58
CA VAL A 271 5.18 -18.70 -15.06
C VAL A 271 4.23 -19.28 -16.12
N GLN A 272 3.72 -18.42 -17.00
CA GLN A 272 2.81 -18.88 -18.06
C GLN A 272 3.51 -19.84 -19.02
N ASP A 273 4.77 -19.56 -19.34
CA ASP A 273 5.60 -20.43 -20.17
C ASP A 273 5.72 -21.82 -19.54
N LEU A 274 6.03 -21.86 -18.25
CA LEU A 274 6.16 -23.11 -17.50
C LEU A 274 4.86 -23.92 -17.47
N LEU A 275 3.75 -23.22 -17.22
CA LEU A 275 2.45 -23.89 -17.14
C LEU A 275 1.97 -24.38 -18.50
N ASP A 276 2.23 -23.60 -19.54
CA ASP A 276 1.91 -23.99 -20.92
C ASP A 276 2.61 -25.30 -21.28
N GLU A 277 3.89 -25.40 -20.91
CA GLU A 277 4.68 -26.60 -21.19
C GLU A 277 4.12 -27.83 -20.47
N TRP A 278 3.78 -27.66 -19.19
CA TRP A 278 3.33 -28.80 -18.37
C TRP A 278 1.86 -29.18 -18.59
N LEU A 279 1.02 -28.20 -18.89
CA LEU A 279 -0.43 -28.43 -18.88
C LEU A 279 -1.12 -28.24 -20.23
N GLY A 280 -0.39 -27.74 -21.21
CA GLY A 280 -0.97 -27.37 -22.50
C GLY A 280 -1.11 -25.86 -22.55
N LYS A 281 -1.00 -25.29 -23.75
CA LYS A 281 -1.02 -23.83 -23.92
C LYS A 281 -2.35 -23.20 -23.49
N ASP A 282 -2.25 -22.21 -22.60
CA ASP A 282 -3.38 -21.50 -22.01
C ASP A 282 -4.40 -22.35 -21.25
N ALA A 283 -4.02 -23.59 -20.93
CA ALA A 283 -4.84 -24.44 -20.07
C ALA A 283 -4.96 -23.81 -18.68
N ALA A 284 -3.88 -23.17 -18.25
CA ALA A 284 -3.86 -22.39 -17.02
C ALA A 284 -3.78 -20.90 -17.32
N ARG A 285 -4.10 -20.07 -16.34
CA ARG A 285 -3.97 -18.64 -16.47
C ARG A 285 -3.20 -18.08 -15.28
N VAL A 286 -2.03 -17.48 -15.56
CA VAL A 286 -1.25 -16.77 -14.55
C VAL A 286 -1.70 -15.30 -14.51
N ILE A 287 -1.95 -14.82 -13.30
CA ILE A 287 -2.39 -13.44 -13.06
C ILE A 287 -1.28 -12.69 -12.31
N LEU A 288 -1.02 -11.45 -12.72
CA LEU A 288 0.01 -10.62 -12.11
C LEU A 288 -0.61 -9.38 -11.45
N PRO A 289 -1.14 -9.54 -10.22
CA PRO A 289 -2.01 -8.52 -9.63
C PRO A 289 -1.30 -7.25 -9.10
N ILE A 290 0.01 -7.14 -9.32
CA ILE A 290 0.76 -5.94 -8.90
C ILE A 290 0.24 -4.65 -9.55
N THR A 291 -0.24 -4.78 -10.78
CA THR A 291 -0.81 -3.63 -11.50
C THR A 291 -1.98 -4.09 -12.37
N ASP A 292 -2.55 -3.16 -13.13
CA ASP A 292 -3.64 -3.45 -14.06
C ASP A 292 -3.21 -4.44 -15.15
N PRO A 293 -4.16 -5.28 -15.63
CA PRO A 293 -3.86 -6.38 -16.55
C PRO A 293 -3.34 -5.97 -17.93
N TYR A 294 -3.71 -4.77 -18.39
CA TYR A 294 -3.27 -4.29 -19.70
C TYR A 294 -1.77 -3.95 -19.75
N VAL A 295 -1.17 -3.69 -18.59
CA VAL A 295 0.24 -3.29 -18.49
C VAL A 295 1.18 -4.45 -18.87
N VAL A 296 2.06 -4.19 -19.83
CA VAL A 296 3.10 -5.13 -20.24
C VAL A 296 4.51 -4.53 -20.08
N HIS A 297 4.55 -3.28 -19.61
CA HIS A 297 5.78 -2.48 -19.58
C HIS A 297 6.51 -2.49 -18.24
N HIS A 298 7.05 -3.65 -17.87
CA HIS A 298 7.91 -3.87 -16.67
C HIS A 298 7.38 -3.36 -15.32
N GLY A 299 6.39 -2.46 -15.36
CA GLY A 299 5.64 -2.07 -14.17
C GLY A 299 4.72 -3.20 -13.76
N ALA A 300 4.62 -4.21 -14.62
CA ALA A 300 3.84 -5.42 -14.36
C ALA A 300 4.66 -6.52 -13.68
N LEU A 301 5.91 -6.21 -13.32
CA LEU A 301 6.80 -7.19 -12.71
C LEU A 301 6.89 -7.04 -11.20
N GLY A 302 6.31 -8.03 -10.51
CA GLY A 302 6.35 -8.11 -9.06
C GLY A 302 6.69 -9.51 -8.61
N SER A 303 6.75 -9.69 -7.29
CA SER A 303 7.25 -10.91 -6.69
C SER A 303 6.17 -11.82 -6.09
N PHE A 304 4.92 -11.56 -6.46
CA PHE A 304 3.77 -12.36 -6.04
C PHE A 304 2.88 -12.57 -7.26
N ALA A 305 2.45 -13.81 -7.47
CA ALA A 305 1.54 -14.12 -8.55
C ALA A 305 0.54 -15.20 -8.13
N THR A 306 -0.55 -15.29 -8.86
CA THR A 306 -1.52 -16.34 -8.61
C THR A 306 -1.91 -16.99 -9.93
N ALA A 307 -2.33 -18.25 -9.89
CA ALA A 307 -2.63 -18.97 -11.13
C ALA A 307 -3.89 -19.81 -11.00
N TYR A 308 -4.67 -19.79 -12.08
CA TYR A 308 -5.89 -20.58 -12.17
C TYR A 308 -5.61 -21.79 -13.06
N LEU A 309 -5.86 -22.99 -12.53
CA LEU A 309 -5.45 -24.24 -13.18
C LEU A 309 -6.63 -24.97 -13.83
N PRO A 310 -6.37 -25.76 -14.89
CA PRO A 310 -7.45 -26.52 -15.54
C PRO A 310 -8.05 -27.54 -14.57
N ASP A 311 -9.37 -27.75 -14.67
CA ASP A 311 -10.06 -28.68 -13.78
C ASP A 311 -9.49 -30.10 -13.91
N GLY A 312 -9.33 -30.77 -12.78
CA GLY A 312 -8.87 -32.15 -12.75
C GLY A 312 -7.37 -32.35 -12.62
N CYS A 313 -6.57 -31.39 -13.07
CA CYS A 313 -5.11 -31.54 -13.02
C CYS A 313 -4.58 -31.73 -11.58
N ASP A 314 -3.35 -32.22 -11.48
CA ASP A 314 -2.75 -32.52 -10.19
C ASP A 314 -2.07 -31.27 -9.62
N ARG A 315 -2.80 -30.55 -8.78
CA ARG A 315 -2.30 -29.32 -8.16
C ARG A 315 -1.01 -29.58 -7.38
N SER A 316 -1.04 -30.60 -6.51
CA SER A 316 0.12 -30.96 -5.68
C SER A 316 1.39 -31.17 -6.51
N GLU A 317 1.24 -31.83 -7.66
CA GLU A 317 2.33 -32.07 -8.59
C GLU A 317 2.84 -30.77 -9.22
N ILE A 318 1.90 -29.97 -9.74
CA ILE A 318 2.23 -28.68 -10.35
C ILE A 318 2.98 -27.76 -9.40
N MET A 319 2.54 -27.73 -8.14
CA MET A 319 3.17 -26.91 -7.10
C MET A 319 4.60 -27.35 -6.83
N ALA A 320 4.82 -28.66 -6.73
CA ALA A 320 6.15 -29.22 -6.50
C ALA A 320 7.09 -28.89 -7.65
N ARG A 321 6.58 -28.93 -8.88
CA ARG A 321 7.37 -28.58 -10.06
C ARG A 321 7.79 -27.11 -10.01
N LEU A 322 6.84 -26.23 -9.66
CA LEU A 322 7.13 -24.81 -9.54
C LEU A 322 8.12 -24.48 -8.43
N LYS A 323 7.96 -25.13 -7.27
CA LYS A 323 8.82 -24.86 -6.12
C LYS A 323 10.26 -25.33 -6.35
N ALA A 324 10.43 -26.33 -7.22
CA ALA A 324 11.74 -26.84 -7.58
C ALA A 324 12.58 -25.81 -8.37
N ILE A 325 11.91 -24.83 -8.96
CA ILE A 325 12.59 -23.80 -9.76
C ILE A 325 13.32 -22.80 -8.85
N GLN A 326 14.58 -22.53 -9.16
CA GLN A 326 15.37 -21.59 -8.37
C GLN A 326 14.86 -20.17 -8.60
N GLY A 327 14.47 -19.50 -7.51
CA GLY A 327 13.87 -18.18 -7.60
C GLY A 327 12.42 -18.19 -7.15
N VAL A 328 11.78 -19.36 -7.17
CA VAL A 328 10.43 -19.50 -6.65
C VAL A 328 10.53 -20.01 -5.21
N ASP A 329 10.25 -19.14 -4.25
CA ASP A 329 10.46 -19.46 -2.84
C ASP A 329 9.28 -20.13 -2.17
N VAL A 330 8.07 -19.66 -2.48
CA VAL A 330 6.85 -20.13 -1.84
C VAL A 330 5.83 -20.50 -2.92
N VAL A 331 5.24 -21.68 -2.81
CA VAL A 331 4.14 -22.09 -3.67
C VAL A 331 3.10 -22.74 -2.76
N LEU A 332 1.91 -22.15 -2.73
CA LEU A 332 0.84 -22.65 -1.85
C LEU A 332 -0.47 -22.82 -2.60
N GLY A 333 -1.26 -23.82 -2.18
CA GLY A 333 -2.62 -23.96 -2.70
C GLY A 333 -3.51 -22.84 -2.15
N ARG A 334 -4.68 -22.67 -2.76
CA ARG A 334 -5.62 -21.61 -2.38
C ARG A 334 -5.88 -21.57 -0.87
N GLU A 335 -6.30 -22.70 -0.32
CA GLU A 335 -6.70 -22.83 1.09
C GLU A 335 -5.58 -22.40 2.03
N GLU A 336 -4.40 -22.97 1.80
CA GLU A 336 -3.23 -22.67 2.61
C GLU A 336 -2.75 -21.21 2.46
N ALA A 337 -2.68 -20.73 1.23
CA ALA A 337 -2.27 -19.35 0.98
C ALA A 337 -3.20 -18.37 1.68
N CYS A 338 -4.50 -18.65 1.64
CA CYS A 338 -5.50 -17.77 2.23
C CYS A 338 -5.44 -17.76 3.76
N ARG A 339 -5.20 -18.91 4.36
CA ARG A 339 -5.01 -19.00 5.80
C ARG A 339 -3.72 -18.27 6.20
N ARG A 340 -2.62 -18.60 5.54
CA ARG A 340 -1.32 -18.04 5.89
C ARG A 340 -1.24 -16.52 5.67
N PHE A 341 -1.74 -16.05 4.54
CA PHE A 341 -1.61 -14.64 4.17
C PHE A 341 -2.85 -13.80 4.50
N GLU A 342 -3.88 -14.48 5.01
CA GLU A 342 -5.14 -13.84 5.41
C GLU A 342 -5.80 -13.17 4.18
N LEU A 343 -6.08 -13.99 3.17
CA LEU A 343 -6.65 -13.55 1.91
C LEU A 343 -8.02 -14.21 1.69
N PRO A 344 -8.88 -13.62 0.83
CA PRO A 344 -10.19 -14.20 0.55
C PRO A 344 -10.14 -15.29 -0.54
N GLU A 345 -10.60 -16.50 -0.22
CA GLU A 345 -10.52 -17.63 -1.15
C GLU A 345 -11.18 -17.35 -2.49
N ASP A 346 -12.26 -16.58 -2.45
CA ASP A 346 -13.05 -16.33 -3.66
C ASP A 346 -12.42 -15.35 -4.66
N ARG A 347 -11.30 -14.75 -4.29
CA ARG A 347 -10.64 -13.76 -5.16
C ARG A 347 -9.16 -14.07 -5.40
N ILE A 348 -8.77 -15.31 -5.13
CA ILE A 348 -7.41 -15.81 -5.28
C ILE A 348 -7.46 -17.02 -6.22
N GLY A 349 -6.35 -17.32 -6.90
CA GLY A 349 -6.31 -18.45 -7.83
C GLY A 349 -6.16 -19.78 -7.12
N ASP A 350 -6.02 -20.85 -7.91
CA ASP A 350 -5.82 -22.20 -7.37
C ASP A 350 -4.51 -22.30 -6.60
N ILE A 351 -3.49 -21.60 -7.08
CA ILE A 351 -2.17 -21.61 -6.46
C ILE A 351 -1.63 -20.18 -6.33
N VAL A 352 -0.75 -19.99 -5.34
CA VAL A 352 -0.11 -18.71 -5.09
C VAL A 352 1.40 -18.92 -5.14
N LEU A 353 2.11 -18.02 -5.82
CA LEU A 353 3.58 -18.06 -5.94
C LEU A 353 4.24 -16.80 -5.42
N VAL A 354 5.35 -16.98 -4.69
CA VAL A 354 6.16 -15.85 -4.24
C VAL A 354 7.61 -16.09 -4.65
N SER A 355 8.20 -15.10 -5.33
CA SER A 355 9.57 -15.25 -5.82
C SER A 355 10.62 -14.83 -4.79
N SER A 356 11.88 -15.20 -5.04
CA SER A 356 12.99 -14.87 -4.15
C SER A 356 13.32 -13.37 -4.18
N GLU A 357 14.23 -12.96 -3.29
CA GLU A 357 14.52 -11.55 -3.03
C GLU A 357 14.78 -10.68 -4.27
N ASN A 358 15.59 -11.18 -5.20
CA ASN A 358 15.95 -10.40 -6.38
C ASN A 358 15.36 -10.89 -7.70
N LYS A 359 14.28 -11.66 -7.62
CA LYS A 359 13.57 -12.10 -8.83
C LYS A 359 12.12 -11.65 -8.83
N THR A 360 11.55 -11.53 -10.03
CA THR A 360 10.11 -11.28 -10.17
C THR A 360 9.43 -12.41 -10.92
N LEU A 361 8.10 -12.34 -10.97
CA LEU A 361 7.30 -13.31 -11.69
C LEU A 361 6.59 -12.64 -12.86
N GLY A 362 6.68 -13.26 -14.03
CA GLY A 362 6.02 -12.77 -15.22
C GLY A 362 5.11 -13.82 -15.80
N THR A 363 4.39 -13.46 -16.85
CA THR A 363 3.56 -14.43 -17.55
C THR A 363 4.44 -15.17 -18.55
N SER A 364 4.66 -14.58 -19.72
CA SER A 364 5.35 -15.29 -20.77
C SER A 364 6.28 -14.44 -21.61
N GLU A 365 7.09 -15.13 -22.41
CA GLU A 365 7.87 -14.52 -23.47
C GLU A 365 7.15 -14.61 -24.83
N HIS A 366 5.97 -15.23 -24.89
CA HIS A 366 5.16 -15.24 -26.13
C HIS A 366 4.55 -13.85 -26.40
N ARG A 367 5.01 -13.23 -27.48
CA ARG A 367 4.84 -11.77 -27.72
C ARG A 367 5.50 -10.95 -26.61
N HIS A 368 5.92 -11.64 -25.56
CA HIS A 368 6.79 -11.13 -24.49
C HIS A 368 6.15 -10.12 -23.51
N ASP A 369 7.01 -9.44 -22.75
CA ASP A 369 6.61 -8.54 -21.69
C ASP A 369 7.52 -7.30 -21.76
N LEU A 370 7.71 -6.78 -22.97
CA LEU A 370 8.64 -5.69 -23.28
C LEU A 370 8.85 -4.68 -22.15
N ALA A 371 10.08 -4.65 -21.61
CA ALA A 371 10.43 -3.74 -20.51
C ALA A 371 10.45 -2.28 -20.95
N ALA A 372 9.94 -1.40 -20.08
CA ALA A 372 9.87 0.04 -20.37
C ALA A 372 11.12 0.80 -19.94
N LEU A 373 11.10 1.35 -18.70
CA LEU A 373 12.15 2.26 -18.20
C LEU A 373 13.58 1.69 -18.20
N ASP A 374 14.55 2.60 -18.16
CA ASP A 374 15.96 2.27 -18.32
C ASP A 374 16.58 1.66 -17.05
N GLU A 375 16.41 2.34 -15.92
CA GLU A 375 17.12 2.00 -14.68
C GLU A 375 16.86 0.54 -14.23
N PRO A 376 17.86 -0.08 -13.57
CA PRO A 376 17.73 -1.47 -13.12
C PRO A 376 16.46 -1.69 -12.31
N LEU A 377 15.78 -2.80 -12.56
CA LEU A 377 14.47 -3.05 -11.98
C LEU A 377 14.49 -3.12 -10.45
N ARG A 378 13.56 -2.39 -9.83
CA ARG A 378 13.28 -2.50 -8.39
C ARG A 378 11.78 -2.76 -8.25
N SER A 379 11.40 -3.66 -7.35
CA SER A 379 9.97 -3.93 -7.17
C SER A 379 9.62 -4.50 -5.80
N HIS A 380 8.39 -5.01 -5.70
CA HIS A 380 7.85 -5.51 -4.44
C HIS A 380 6.80 -6.59 -4.72
N GLY A 381 6.10 -7.02 -3.66
CA GLY A 381 5.11 -8.09 -3.78
C GLY A 381 5.41 -9.32 -2.94
N GLY A 382 6.68 -9.59 -2.70
CA GLY A 382 7.10 -10.79 -1.97
C GLY A 382 7.28 -10.61 -0.47
N LEU A 383 7.71 -11.68 0.20
CA LEU A 383 8.01 -11.66 1.63
C LEU A 383 9.18 -10.73 1.98
N THR A 384 10.04 -10.47 1.00
CA THR A 384 11.24 -9.63 1.19
C THR A 384 10.95 -8.13 1.05
N GLU A 385 9.68 -7.77 0.86
CA GLU A 385 9.24 -6.37 0.96
C GLU A 385 8.12 -6.21 1.98
N GLN A 386 8.04 -7.16 2.91
CA GLN A 386 6.98 -7.17 3.91
C GLN A 386 7.34 -6.30 5.13
N GLU A 387 8.63 -6.21 5.42
CA GLU A 387 9.09 -5.44 6.58
C GLU A 387 9.10 -3.93 6.27
N VAL A 388 8.37 -3.17 7.09
CA VAL A 388 8.26 -1.72 6.89
C VAL A 388 8.51 -0.96 8.20
N PRO A 389 8.89 0.32 8.10
CA PRO A 389 9.02 1.11 9.33
C PRO A 389 7.68 1.30 9.99
N PHE A 390 7.70 1.53 11.29
CA PHE A 390 6.49 1.87 12.03
C PHE A 390 6.98 2.72 13.20
N ILE A 391 6.82 4.04 13.06
CA ILE A 391 7.39 5.01 13.99
C ILE A 391 6.29 5.92 14.50
N VAL A 392 6.23 6.09 15.81
CA VAL A 392 5.19 6.90 16.46
C VAL A 392 5.85 8.05 17.22
N ASN A 393 5.25 9.25 17.12
CA ASN A 393 5.79 10.43 17.78
C ASN A 393 5.25 10.59 19.21
N ARG A 394 5.02 9.46 19.87
CA ARG A 394 4.58 9.40 21.26
C ARG A 394 5.28 8.24 21.96
N VAL A 395 5.32 8.31 23.29
CA VAL A 395 5.90 7.22 24.08
C VAL A 395 4.86 6.10 24.21
N LEU A 396 5.20 4.92 23.67
CA LEU A 396 4.31 3.77 23.70
C LEU A 396 5.12 2.51 23.94
N PRO A 397 5.57 2.29 25.20
CA PRO A 397 6.42 1.14 25.47
C PRO A 397 5.76 -0.21 25.18
N GLU A 398 4.43 -0.29 25.22
CA GLU A 398 3.70 -1.56 24.97
C GLU A 398 3.56 -1.92 23.50
N LEU A 399 3.86 -0.98 22.62
CA LEU A 399 3.71 -1.21 21.19
C LEU A 399 4.49 -2.47 20.79
N PRO A 400 3.82 -3.44 20.13
CA PRO A 400 4.51 -4.66 19.70
C PRO A 400 5.51 -4.37 18.57
N ASN A 401 6.28 -5.39 18.20
CA ASN A 401 7.17 -5.31 17.06
C ASN A 401 6.80 -6.43 16.11
N ALA A 402 7.25 -6.34 14.86
CA ALA A 402 7.10 -7.41 13.87
C ALA A 402 7.65 -8.73 14.44
N PRO A 403 7.02 -9.88 14.09
CA PRO A 403 5.92 -10.05 13.14
C PRO A 403 4.51 -9.80 13.70
N ARG A 404 4.41 -9.53 15.01
CA ARG A 404 3.11 -9.27 15.64
C ARG A 404 2.53 -7.92 15.20
N LEU A 405 3.37 -6.88 15.16
CA LEU A 405 2.93 -5.58 14.68
C LEU A 405 2.72 -5.59 13.16
N ARG A 406 1.57 -5.09 12.74
CA ARG A 406 1.22 -5.01 11.32
C ARG A 406 1.18 -3.56 10.87
N ASN A 407 1.42 -3.30 9.59
CA ASN A 407 1.25 -1.93 9.11
C ASN A 407 -0.18 -1.46 9.30
N PHE A 408 -1.12 -2.40 9.21
CA PHE A 408 -2.55 -2.09 9.39
C PHE A 408 -2.99 -1.97 10.87
N ASP A 409 -2.02 -1.94 11.78
CA ASP A 409 -2.24 -1.51 13.16
C ASP A 409 -2.01 -0.01 13.32
N ALA A 410 -1.69 0.67 12.22
CA ALA A 410 -1.29 2.09 12.26
C ALA A 410 -2.33 2.99 12.93
N PHE A 411 -3.58 2.93 12.47
CA PHE A 411 -4.60 3.76 13.09
C PHE A 411 -4.97 3.31 14.49
N PHE A 412 -4.91 2.02 14.78
CA PHE A 412 -5.18 1.57 16.14
C PHE A 412 -4.23 2.27 17.13
N TYR A 413 -2.94 2.25 16.81
CA TYR A 413 -1.95 2.83 17.71
C TYR A 413 -1.86 4.34 17.65
N ALA A 414 -2.18 4.92 16.48
CA ALA A 414 -2.26 6.38 16.36
C ALA A 414 -3.34 6.96 17.30
N VAL A 415 -4.56 6.40 17.23
CA VAL A 415 -5.64 6.89 18.10
C VAL A 415 -5.38 6.57 19.57
N THR A 416 -4.72 5.44 19.84
CA THR A 416 -4.32 5.09 21.20
C THR A 416 -3.35 6.13 21.76
N ALA A 417 -2.33 6.47 20.96
CA ALA A 417 -1.39 7.51 21.34
C ALA A 417 -2.12 8.86 21.51
N ALA A 418 -3.07 9.15 20.61
CA ALA A 418 -3.85 10.39 20.67
C ALA A 418 -4.84 10.44 21.84
N ALA A 419 -5.11 9.28 22.43
CA ALA A 419 -6.02 9.19 23.56
C ALA A 419 -5.22 9.11 24.85
ZN ZN B . 3.08 1.22 -3.16
ZN ZN C . 5.02 -0.29 -6.89
C ACT D . 3.47 -0.12 -7.96
O ACT D . 4.04 0.94 -8.32
OXT ACT D . 3.91 -1.19 -8.47
CH3 ACT D . 2.35 -0.09 -6.96
#